data_3V1X
#
_entry.id   3V1X
#
_cell.length_a   99.635
_cell.length_b   99.635
_cell.length_c   104.811
_cell.angle_alpha   90.00
_cell.angle_beta   90.00
_cell.angle_gamma   90.00
#
_symmetry.space_group_name_H-M   'P 43 2 2'
#
loop_
_entity.id
_entity.type
_entity.pdbx_description
1 polymer '2-methylisoborneol synthase'
2 non-polymer 'MAGNESIUM ION'
3 non-polymer '(2Z)-2-fluoro-3,7-dimethylocta-2,6-dien-1-yl trihydrogen diphosphate'
4 water water
#
_entity_poly.entity_id   1
_entity_poly.type   'polypeptide(L)'
_entity_poly.pdbx_seq_one_letter_code
;MGSSHHHHHHSSGLVPRGSHMMPDSGTLGTPPPEQGPTPPTTLPDVPAPVIPSASVTSAASDFLAALHPPVTVPDPAPPP
PPAPAAGNPPDTVTGDSVLQRILRGPTGPGTTSLAPAVRYGRQPGPEAPASAPPAAGRAVPGLYHHPVPEPDPVRVEEVS
RRIKRWAEDEVQLYPEEWEGQFDGFSVGRYMVGCHPDAPTVDHLMLATRLMVAENAVDDCYCEDHGGSPVGLGGRLLLAH
TAIDHFHSTAEYTPTWQASLAADAPRRAYDSAMGYFVRAATPSQSDRYRHDMARLHLGYLAEGAWAQTGHVPEVWEYLAM
RQFNNFRPCPTITDTVGGYELPADLHARPDMQRVIALAGNATTIVNDLYSYTKELNSPGRHLNLPVVIAEREQLCERDAY
LKAVEVHNELQHSFEAAAADLAEACPLPPVLRFLRGVAAWVDGNHDWHRTNTYRYSLPDFW
;
_entity_poly.pdbx_strand_id   A
#
loop_
_chem_comp.id
_chem_comp.type
_chem_comp.name
_chem_comp.formula
0FV non-polymer '(2Z)-2-fluoro-3,7-dimethylocta-2,6-dien-1-yl trihydrogen diphosphate' 'C10 H19 F O7 P2'
MG non-polymer 'MAGNESIUM ION' 'Mg 2'
#
# COMPACT_ATOMS: atom_id res chain seq x y z
N GLY A 137 13.70 -15.51 -8.32
CA GLY A 137 13.12 -15.66 -6.98
C GLY A 137 14.10 -15.15 -5.94
N ARG A 138 15.15 -14.46 -6.38
CA ARG A 138 16.19 -14.06 -5.44
C ARG A 138 15.92 -12.64 -4.94
N ALA A 139 16.32 -12.36 -3.69
CA ALA A 139 16.21 -11.02 -3.12
C ALA A 139 17.23 -10.05 -3.76
N VAL A 140 16.96 -8.75 -3.67
CA VAL A 140 17.97 -7.75 -4.06
C VAL A 140 19.19 -8.00 -3.19
N PRO A 141 20.36 -8.21 -3.81
CA PRO A 141 21.55 -8.36 -2.94
C PRO A 141 21.78 -7.13 -2.04
N GLY A 142 22.07 -7.36 -0.76
CA GLY A 142 22.31 -6.25 0.17
C GLY A 142 21.06 -5.62 0.80
N LEU A 143 19.88 -6.03 0.33
CA LEU A 143 18.63 -5.54 0.89
C LEU A 143 18.35 -6.26 2.23
N TYR A 144 18.23 -5.49 3.31
CA TYR A 144 17.98 -6.00 4.64
C TYR A 144 16.53 -6.42 4.71
N HIS A 145 16.29 -7.70 4.97
CA HIS A 145 14.91 -8.21 5.07
C HIS A 145 14.85 -9.47 5.94
N HIS A 146 13.63 -9.90 6.25
CA HIS A 146 13.38 -11.09 7.07
C HIS A 146 12.61 -12.16 6.30
N PRO A 147 13.14 -13.38 6.27
CA PRO A 147 12.41 -14.36 5.46
C PRO A 147 11.11 -14.73 6.17
N VAL A 148 10.17 -15.26 5.39
CA VAL A 148 8.90 -15.62 5.98
C VAL A 148 8.59 -17.05 5.54
N PRO A 149 7.80 -17.73 6.35
CA PRO A 149 7.22 -19.05 6.06
C PRO A 149 6.39 -19.03 4.78
N GLU A 150 6.25 -20.18 4.13
CA GLU A 150 5.33 -20.29 3.01
C GLU A 150 3.91 -19.97 3.49
N PRO A 151 3.15 -19.18 2.72
CA PRO A 151 1.79 -18.85 3.13
C PRO A 151 0.89 -20.08 3.04
N ASP A 152 0.06 -20.30 4.07
CA ASP A 152 -0.91 -21.42 4.08
C ASP A 152 -1.70 -21.56 2.78
N PRO A 153 -1.45 -22.66 2.04
CA PRO A 153 -2.01 -22.86 0.70
C PRO A 153 -3.49 -23.00 0.77
N VAL A 154 -4.00 -23.57 1.86
CA VAL A 154 -5.43 -23.70 2.00
C VAL A 154 -6.03 -22.30 2.00
N ARG A 155 -5.47 -21.41 2.83
CA ARG A 155 -5.98 -20.04 2.85
C ARG A 155 -5.79 -19.31 1.52
N VAL A 156 -4.66 -19.56 0.86
CA VAL A 156 -4.37 -18.77 -0.37
C VAL A 156 -5.44 -19.12 -1.35
N GLU A 157 -5.71 -20.41 -1.42
CA GLU A 157 -6.63 -20.88 -2.40
C GLU A 157 -8.06 -20.37 -2.09
N GLU A 158 -8.42 -20.35 -0.81
CA GLU A 158 -9.75 -19.87 -0.48
C GLU A 158 -9.92 -18.35 -0.80
N VAL A 159 -8.95 -17.56 -0.35
CA VAL A 159 -8.95 -16.16 -0.75
C VAL A 159 -9.07 -16.01 -2.28
N SER A 160 -8.28 -16.79 -3.02
CA SER A 160 -8.35 -16.62 -4.46
C SER A 160 -9.75 -16.83 -4.97
N ARG A 161 -10.47 -17.81 -4.46
CA ARG A 161 -11.75 -18.07 -5.09
C ARG A 161 -12.80 -17.01 -4.71
N ARG A 162 -12.76 -16.58 -3.46
CA ARG A 162 -13.70 -15.59 -2.99
C ARG A 162 -13.37 -14.24 -3.65
N ILE A 163 -12.08 -13.97 -3.82
CA ILE A 163 -11.76 -12.63 -4.42
C ILE A 163 -12.19 -12.62 -5.91
N LYS A 164 -12.01 -13.75 -6.60
CA LYS A 164 -12.48 -13.84 -8.01
C LYS A 164 -13.99 -13.65 -8.10
N ARG A 165 -14.78 -14.29 -7.21
CA ARG A 165 -16.25 -14.12 -7.19
C ARG A 165 -16.68 -12.68 -6.89
N TRP A 166 -16.02 -12.05 -5.91
CA TRP A 166 -16.32 -10.62 -5.61
C TRP A 166 -16.11 -9.76 -6.87
N ALA A 167 -14.93 -9.90 -7.44
CA ALA A 167 -14.58 -9.09 -8.62
C ALA A 167 -15.55 -9.27 -9.78
N GLU A 168 -15.98 -10.51 -9.99
CA GLU A 168 -16.80 -10.85 -11.15
C GLU A 168 -18.23 -10.68 -10.84
N ASP A 169 -18.67 -11.16 -9.67
CA ASP A 169 -20.12 -11.16 -9.45
C ASP A 169 -20.63 -9.96 -8.67
N GLU A 170 -19.79 -9.35 -7.85
CA GLU A 170 -20.28 -8.24 -7.03
C GLU A 170 -19.93 -6.87 -7.63
N VAL A 171 -18.73 -6.72 -8.15
CA VAL A 171 -18.31 -5.39 -8.55
C VAL A 171 -17.91 -5.29 -10.03
N GLN A 172 -18.00 -6.39 -10.79
CA GLN A 172 -17.83 -6.36 -12.23
C GLN A 172 -16.60 -5.61 -12.61
N LEU A 173 -15.49 -6.08 -12.09
CA LEU A 173 -14.32 -5.27 -12.04
C LEU A 173 -13.67 -5.29 -13.43
N TYR A 174 -13.94 -6.36 -14.18
CA TYR A 174 -13.64 -6.39 -15.64
C TYR A 174 -14.80 -6.97 -16.48
N PRO A 175 -14.79 -6.68 -17.80
CA PRO A 175 -15.80 -7.21 -18.75
C PRO A 175 -15.73 -8.74 -18.92
N PHE A 182 -4.75 -10.55 -13.77
CA PHE A 182 -5.48 -10.82 -12.52
C PHE A 182 -5.50 -12.30 -12.14
N ASP A 183 -4.52 -12.73 -11.36
CA ASP A 183 -4.73 -13.95 -10.58
C ASP A 183 -5.21 -13.68 -9.14
N GLY A 184 -6.25 -14.45 -8.77
CA GLY A 184 -6.70 -14.48 -7.41
C GLY A 184 -5.52 -15.02 -6.63
N PHE A 185 -4.70 -15.84 -7.26
CA PHE A 185 -3.63 -16.47 -6.49
C PHE A 185 -2.56 -15.46 -6.03
N SER A 186 -2.18 -14.55 -6.93
CA SER A 186 -1.21 -13.48 -6.61
C SER A 186 -1.65 -12.73 -5.36
N VAL A 187 -2.86 -12.17 -5.40
CA VAL A 187 -3.30 -11.38 -4.26
C VAL A 187 -3.56 -12.26 -3.01
N GLY A 188 -3.99 -13.52 -3.20
CA GLY A 188 -4.14 -14.38 -2.04
C GLY A 188 -2.81 -14.66 -1.33
N ARG A 189 -1.76 -14.98 -2.07
CA ARG A 189 -0.45 -15.20 -1.46
C ARG A 189 0.00 -13.92 -0.76
N TYR A 190 -0.30 -12.78 -1.41
CA TYR A 190 0.06 -11.44 -0.88
C TYR A 190 -0.55 -11.23 0.49
N MET A 191 -1.87 -11.39 0.54
CA MET A 191 -2.58 -11.05 1.77
C MET A 191 -2.37 -12.12 2.87
N VAL A 192 -2.31 -13.42 2.51
CA VAL A 192 -2.05 -14.45 3.53
C VAL A 192 -0.65 -14.24 4.12
N GLY A 193 0.33 -14.01 3.23
CA GLY A 193 1.69 -13.70 3.67
C GLY A 193 1.82 -12.46 4.57
N CYS A 194 1.04 -11.43 4.28
CA CYS A 194 1.11 -10.17 5.03
C CYS A 194 0.31 -10.11 6.28
N HIS A 195 -0.65 -11.03 6.44
CA HIS A 195 -1.51 -11.02 7.64
C HIS A 195 -1.58 -12.43 8.28
N PRO A 196 -0.45 -12.95 8.74
CA PRO A 196 -0.50 -14.30 9.31
C PRO A 196 -1.39 -14.44 10.57
N ASP A 197 -1.70 -13.34 11.23
CA ASP A 197 -2.55 -13.46 12.38
C ASP A 197 -4.07 -13.30 12.05
N ALA A 198 -4.51 -13.35 10.79
CA ALA A 198 -5.93 -13.07 10.51
C ALA A 198 -6.75 -14.26 11.15
N PRO A 199 -7.83 -13.98 11.92
CA PRO A 199 -8.49 -15.19 12.46
C PRO A 199 -9.25 -15.99 11.41
N THR A 200 -9.70 -15.35 10.34
CA THR A 200 -10.49 -16.02 9.32
C THR A 200 -10.18 -15.54 7.94
N VAL A 201 -10.67 -16.25 6.96
CA VAL A 201 -10.62 -15.74 5.58
C VAL A 201 -11.50 -14.48 5.43
N ASP A 202 -12.62 -14.39 6.15
CA ASP A 202 -13.41 -13.14 6.14
C ASP A 202 -12.56 -11.90 6.52
N HIS A 203 -11.72 -12.05 7.55
CA HIS A 203 -10.82 -10.98 7.99
C HIS A 203 -9.83 -10.68 6.85
N LEU A 204 -9.21 -11.72 6.30
CA LEU A 204 -8.28 -11.54 5.15
C LEU A 204 -8.94 -10.82 3.97
N MET A 205 -10.20 -11.13 3.73
CA MET A 205 -10.93 -10.56 2.60
C MET A 205 -11.23 -9.03 2.78
N LEU A 206 -11.27 -8.58 4.00
CA LEU A 206 -11.34 -7.11 4.25
C LEU A 206 -10.16 -6.41 3.53
N ALA A 207 -8.95 -6.88 3.78
CA ALA A 207 -7.74 -6.28 3.17
C ALA A 207 -7.67 -6.53 1.67
N THR A 208 -8.10 -7.71 1.24
CA THR A 208 -7.93 -8.15 -0.14
C THR A 208 -8.80 -7.32 -1.09
N ARG A 209 -10.07 -7.13 -0.73
CA ARG A 209 -10.92 -6.33 -1.57
C ARG A 209 -10.39 -4.84 -1.65
N LEU A 210 -9.96 -4.30 -0.53
CA LEU A 210 -9.38 -2.92 -0.56
C LEU A 210 -8.09 -2.87 -1.44
N MET A 211 -7.23 -3.89 -1.34
CA MET A 211 -6.01 -3.91 -2.13
C MET A 211 -6.32 -3.98 -3.62
N VAL A 212 -7.29 -4.83 -3.97
CA VAL A 212 -7.74 -4.96 -5.37
C VAL A 212 -8.44 -3.68 -5.87
N ALA A 213 -9.21 -3.05 -4.99
CA ALA A 213 -9.90 -1.81 -5.38
C ALA A 213 -8.82 -0.71 -5.63
N GLU A 214 -7.81 -0.65 -4.77
CA GLU A 214 -6.69 0.28 -4.93
CA GLU A 214 -6.71 0.29 -4.94
C GLU A 214 -6.17 0.16 -6.36
N ASN A 215 -6.03 -1.06 -6.84
CA ASN A 215 -5.54 -1.31 -8.19
C ASN A 215 -6.44 -0.93 -9.31
N ALA A 216 -7.74 -1.16 -9.17
CA ALA A 216 -8.71 -0.75 -10.15
C ALA A 216 -8.61 0.76 -10.42
N VAL A 217 -8.22 1.50 -9.40
CA VAL A 217 -8.12 2.97 -9.48
C VAL A 217 -6.93 3.37 -10.37
N ASP A 218 -5.75 2.78 -10.11
CA ASP A 218 -4.63 2.95 -11.08
C ASP A 218 -4.95 2.64 -12.57
N ASP A 219 -5.99 1.85 -12.85
CA ASP A 219 -6.49 1.59 -14.22
C ASP A 219 -6.67 2.85 -15.09
N SER A 228 -4.14 11.31 -19.90
CA SER A 228 -3.07 12.00 -19.18
C SER A 228 -3.30 12.05 -17.64
N PRO A 229 -2.31 12.55 -16.90
CA PRO A 229 -2.73 12.87 -15.53
C PRO A 229 -3.58 14.18 -15.44
N VAL A 230 -3.95 14.84 -16.55
CA VAL A 230 -4.49 16.20 -16.39
C VAL A 230 -5.74 16.30 -15.47
N GLY A 231 -6.74 15.47 -15.67
CA GLY A 231 -7.90 15.65 -14.82
C GLY A 231 -7.89 14.75 -13.58
N LEU A 232 -6.69 14.25 -13.21
CA LEU A 232 -6.57 13.26 -12.11
C LEU A 232 -7.22 13.73 -10.81
N GLY A 233 -7.01 14.98 -10.46
CA GLY A 233 -7.46 15.44 -9.15
C GLY A 233 -8.98 15.36 -9.10
N GLY A 234 -9.67 15.60 -10.22
CA GLY A 234 -11.15 15.50 -10.25
C GLY A 234 -11.59 14.03 -10.15
N ARG A 235 -10.96 13.15 -10.94
CA ARG A 235 -11.24 11.73 -10.87
C ARG A 235 -11.05 11.13 -9.45
N LEU A 236 -9.96 11.49 -8.81
CA LEU A 236 -9.62 10.87 -7.54
C LEU A 236 -10.53 11.41 -6.45
N LEU A 237 -10.86 12.69 -6.50
CA LEU A 237 -11.80 13.22 -5.52
C LEU A 237 -13.13 12.44 -5.57
N LEU A 238 -13.66 12.23 -6.77
CA LEU A 238 -14.96 11.55 -6.85
C LEU A 238 -14.85 10.14 -6.39
N ALA A 239 -13.74 9.49 -6.72
CA ALA A 239 -13.56 8.15 -6.20
C ALA A 239 -13.41 8.16 -4.68
N HIS A 240 -12.77 9.19 -4.13
CA HIS A 240 -12.62 9.30 -2.66
C HIS A 240 -13.98 9.31 -1.94
N THR A 241 -15.01 9.82 -2.62
CA THR A 241 -16.31 9.87 -1.99
C THR A 241 -16.88 8.46 -1.78
N ALA A 242 -16.31 7.44 -2.45
CA ALA A 242 -16.77 6.07 -2.22
C ALA A 242 -16.20 5.59 -0.86
N ILE A 243 -15.23 6.33 -0.34
CA ILE A 243 -14.49 5.96 0.90
C ILE A 243 -14.94 6.86 2.04
N ASP A 244 -15.09 8.16 1.74
CA ASP A 244 -15.51 9.15 2.71
C ASP A 244 -16.72 9.84 2.10
N HIS A 245 -17.92 9.44 2.53
CA HIS A 245 -19.14 9.73 1.83
C HIS A 245 -19.51 11.19 1.66
N PHE A 246 -20.10 11.48 0.52
CA PHE A 246 -20.75 12.80 0.26
C PHE A 246 -21.95 12.95 1.13
N HIS A 247 -22.16 14.16 1.70
CA HIS A 247 -23.37 14.51 2.42
C HIS A 247 -23.96 15.73 1.78
N SER A 248 -25.25 15.64 1.40
CA SER A 248 -25.83 16.70 0.58
C SER A 248 -27.41 16.78 0.70
N THR A 249 -28.06 17.47 -0.22
CA THR A 249 -29.50 17.61 -0.21
C THR A 249 -30.20 16.36 -0.77
N ALA A 250 -31.52 16.33 -0.59
CA ALA A 250 -32.32 15.21 -1.05
C ALA A 250 -32.28 15.17 -2.58
N GLU A 251 -32.09 16.32 -3.20
CA GLU A 251 -31.95 16.36 -4.65
C GLU A 251 -30.62 15.78 -5.16
N TYR A 252 -29.48 16.19 -4.54
CA TYR A 252 -28.18 15.82 -5.13
C TYR A 252 -27.57 14.50 -4.64
N THR A 253 -28.01 14.06 -3.48
CA THR A 253 -27.52 12.84 -2.88
C THR A 253 -27.75 11.62 -3.81
N PRO A 254 -28.99 11.45 -4.35
CA PRO A 254 -29.23 10.27 -5.22
C PRO A 254 -28.35 10.27 -6.47
N THR A 255 -28.05 11.43 -7.03
CA THR A 255 -27.17 11.45 -8.21
C THR A 255 -25.74 10.97 -7.89
N TRP A 256 -25.17 11.43 -6.76
CA TRP A 256 -23.91 10.92 -6.26
C TRP A 256 -24.01 9.42 -6.04
N GLN A 257 -25.11 9.04 -5.39
CA GLN A 257 -25.32 7.62 -5.11
C GLN A 257 -25.21 6.78 -6.40
N ALA A 258 -25.83 7.23 -7.49
CA ALA A 258 -25.68 6.52 -8.78
C ALA A 258 -24.24 6.46 -9.30
N SER A 259 -23.44 7.51 -9.04
CA SER A 259 -22.10 7.55 -9.61
C SER A 259 -21.27 6.40 -8.99
N LEU A 260 -21.65 5.95 -7.79
CA LEU A 260 -20.87 4.91 -7.13
C LEU A 260 -20.95 3.56 -7.93
N ALA A 261 -21.95 3.42 -8.79
CA ALA A 261 -22.04 2.23 -9.64
C ALA A 261 -21.40 2.45 -11.00
N ALA A 262 -20.92 3.68 -11.26
CA ALA A 262 -20.57 4.08 -12.62
C ALA A 262 -19.35 3.41 -13.21
N ASP A 263 -18.36 3.10 -12.41
CA ASP A 263 -17.19 2.47 -13.00
C ASP A 263 -16.58 1.45 -12.10
N ALA A 264 -15.56 0.71 -12.57
CA ALA A 264 -14.99 -0.36 -11.72
C ALA A 264 -14.39 0.23 -10.44
N PRO A 265 -13.60 1.31 -10.58
CA PRO A 265 -12.92 1.76 -9.36
C PRO A 265 -13.92 2.14 -8.28
N ARG A 266 -14.96 2.89 -8.63
CA ARG A 266 -15.90 3.27 -7.60
C ARG A 266 -16.78 2.13 -7.11
N ARG A 267 -17.15 1.19 -8.00
CA ARG A 267 -17.80 -0.04 -7.52
C ARG A 267 -16.92 -0.82 -6.57
N ALA A 268 -15.66 -0.93 -6.92
CA ALA A 268 -14.72 -1.67 -6.11
C ALA A 268 -14.61 -1.06 -4.70
N TYR A 269 -14.32 0.26 -4.63
CA TYR A 269 -14.26 0.98 -3.37
C TYR A 269 -15.53 1.00 -2.54
N ASP A 270 -16.65 1.28 -3.17
CA ASP A 270 -17.88 1.35 -2.41
C ASP A 270 -18.12 -0.02 -1.74
N SER A 271 -17.93 -1.09 -2.51
CA SER A 271 -18.19 -2.43 -1.96
C SER A 271 -17.11 -2.78 -0.90
N ALA A 272 -15.84 -2.63 -1.25
CA ALA A 272 -14.77 -3.03 -0.34
C ALA A 272 -14.81 -2.27 0.98
N MET A 273 -15.12 -0.99 0.89
CA MET A 273 -15.21 -0.10 2.07
C MET A 273 -16.48 -0.48 2.87
N GLY A 274 -17.56 -0.78 2.14
CA GLY A 274 -18.79 -1.26 2.74
C GLY A 274 -18.48 -2.38 3.74
N TYR A 275 -17.77 -3.40 3.28
CA TYR A 275 -17.42 -4.52 4.18
C TYR A 275 -16.52 -4.09 5.32
N PHE A 276 -15.56 -3.20 5.02
CA PHE A 276 -14.66 -2.71 6.04
C PHE A 276 -15.38 -2.00 7.13
N VAL A 277 -16.33 -1.12 6.76
CA VAL A 277 -17.05 -0.27 7.76
C VAL A 277 -17.96 -1.14 8.69
N ARG A 278 -18.50 -2.22 8.13
CA ARG A 278 -19.36 -3.12 8.97
C ARG A 278 -18.53 -3.83 10.03
N ALA A 279 -17.31 -4.24 9.64
CA ALA A 279 -16.39 -5.01 10.49
C ALA A 279 -15.55 -4.21 11.48
N ALA A 280 -15.04 -3.07 11.05
CA ALA A 280 -14.14 -2.29 11.84
C ALA A 280 -14.81 -1.40 12.83
N THR A 281 -14.03 -0.88 13.80
CA THR A 281 -14.62 0.20 14.66
C THR A 281 -14.73 1.56 13.90
N PRO A 282 -15.64 2.46 14.32
CA PRO A 282 -15.59 3.79 13.65
C PRO A 282 -14.16 4.45 13.61
N SER A 283 -13.36 4.36 14.69
CA SER A 283 -11.98 4.81 14.70
C SER A 283 -11.08 4.15 13.64
N GLN A 284 -11.21 2.84 13.47
CA GLN A 284 -10.43 2.12 12.46
C GLN A 284 -10.89 2.56 11.06
N SER A 285 -12.20 2.82 10.88
CA SER A 285 -12.67 3.37 9.57
C SER A 285 -12.14 4.77 9.29
N ASP A 286 -12.21 5.66 10.29
CA ASP A 286 -11.73 7.03 10.06
C ASP A 286 -10.23 6.95 9.74
N ARG A 287 -9.55 6.10 10.47
CA ARG A 287 -8.09 6.04 10.29
C ARG A 287 -7.73 5.60 8.83
N TYR A 288 -8.51 4.67 8.30
CA TYR A 288 -8.32 4.23 6.91
C TYR A 288 -8.62 5.33 5.93
N ARG A 289 -9.71 6.08 6.15
CA ARG A 289 -9.97 7.20 5.23
C ARG A 289 -8.81 8.21 5.22
N HIS A 290 -8.24 8.52 6.40
CA HIS A 290 -7.08 9.44 6.43
C HIS A 290 -5.90 8.86 5.60
N ASP A 291 -5.63 7.57 5.77
CA ASP A 291 -4.51 6.95 5.04
C ASP A 291 -4.82 6.89 3.55
N MET A 292 -6.10 6.80 3.20
CA MET A 292 -6.45 6.90 1.77
C MET A 292 -6.37 8.33 1.23
N ALA A 293 -6.72 9.32 2.05
CA ALA A 293 -6.54 10.72 1.62
C ALA A 293 -5.03 11.02 1.40
N ARG A 294 -4.18 10.57 2.33
CA ARG A 294 -2.68 10.56 2.05
C ARG A 294 -2.30 9.93 0.70
N LEU A 295 -2.78 8.70 0.47
CA LEU A 295 -2.44 8.07 -0.77
C LEU A 295 -2.81 8.92 -2.00
N HIS A 296 -4.02 9.46 -1.99
CA HIS A 296 -4.48 10.25 -3.13
C HIS A 296 -3.67 11.49 -3.31
N LEU A 297 -3.24 12.06 -2.20
CA LEU A 297 -2.33 13.20 -2.34
C LEU A 297 -1.04 12.84 -2.93
N GLY A 298 -0.49 11.70 -2.51
CA GLY A 298 0.73 11.18 -3.11
C GLY A 298 0.59 11.02 -4.64
N TYR A 299 -0.49 10.39 -5.08
CA TYR A 299 -0.75 10.18 -6.50
C TYR A 299 -0.73 11.52 -7.25
N LEU A 300 -1.38 12.51 -6.66
CA LEU A 300 -1.57 13.82 -7.34
C LEU A 300 -0.27 14.63 -7.44
N ALA A 301 0.59 14.49 -6.46
CA ALA A 301 1.97 15.06 -6.58
C ALA A 301 2.69 14.39 -7.70
N GLU A 302 2.76 13.07 -7.65
CA GLU A 302 3.36 12.33 -8.76
C GLU A 302 2.81 12.70 -10.16
N GLY A 303 1.49 12.78 -10.29
CA GLY A 303 0.86 13.15 -11.55
C GLY A 303 1.19 14.61 -11.95
N ALA A 304 1.18 15.55 -11.00
CA ALA A 304 1.58 16.93 -11.28
C ALA A 304 3.03 16.98 -11.87
N TRP A 305 3.95 16.25 -11.26
CA TRP A 305 5.34 16.22 -11.78
C TRP A 305 5.44 15.62 -13.14
N ALA A 306 4.68 14.55 -13.35
CA ALA A 306 4.64 13.88 -14.63
C ALA A 306 4.11 14.79 -15.77
N GLN A 307 3.20 15.70 -15.47
CA GLN A 307 2.65 16.58 -16.50
C GLN A 307 3.71 17.50 -17.08
N THR A 308 4.76 17.80 -16.32
CA THR A 308 5.88 18.61 -16.87
C THR A 308 7.19 17.87 -16.98
N GLY A 309 7.19 16.60 -16.67
CA GLY A 309 8.44 15.88 -16.70
C GLY A 309 9.38 16.37 -15.60
N HIS A 310 8.84 17.01 -14.55
CA HIS A 310 9.68 17.51 -13.44
C HIS A 310 10.35 16.36 -12.72
N VAL A 311 11.66 16.48 -12.49
CA VAL A 311 12.38 15.55 -11.63
C VAL A 311 12.65 16.28 -10.31
N PRO A 312 11.92 15.88 -9.22
CA PRO A 312 12.16 16.48 -7.91
C PRO A 312 13.55 16.20 -7.33
N GLU A 313 13.94 16.98 -6.32
CA GLU A 313 15.11 16.61 -5.53
C GLU A 313 14.81 15.25 -4.88
N VAL A 314 15.85 14.51 -4.52
CA VAL A 314 15.68 13.22 -3.89
C VAL A 314 14.76 13.27 -2.66
N TRP A 315 14.99 14.20 -1.73
CA TRP A 315 14.16 14.22 -0.51
C TRP A 315 12.70 14.49 -0.90
N GLU A 316 12.53 15.30 -1.93
CA GLU A 316 11.19 15.63 -2.43
C GLU A 316 10.49 14.42 -3.02
N TYR A 317 11.22 13.65 -3.82
CA TYR A 317 10.68 12.37 -4.30
C TYR A 317 10.28 11.46 -3.06
N LEU A 318 11.20 11.35 -2.09
CA LEU A 318 10.99 10.57 -0.87
C LEU A 318 9.73 11.07 -0.13
N ALA A 319 9.51 12.39 -0.08
CA ALA A 319 8.29 12.97 0.56
C ALA A 319 7.04 12.51 -0.19
N MET A 320 6.98 12.72 -1.50
CA MET A 320 5.90 12.15 -2.27
C MET A 320 5.67 10.65 -1.97
N ARG A 321 6.75 9.87 -1.96
CA ARG A 321 6.68 8.43 -1.82
C ARG A 321 6.34 8.03 -0.38
N GLN A 322 6.38 9.00 0.53
CA GLN A 322 5.86 8.76 1.90
C GLN A 322 4.33 8.65 1.84
N PHE A 323 3.72 9.35 0.86
CA PHE A 323 2.26 9.45 0.78
C PHE A 323 1.71 8.46 -0.24
N ASN A 324 2.39 8.42 -1.39
CA ASN A 324 2.04 7.52 -2.47
C ASN A 324 2.72 6.22 -2.09
N ASN A 325 2.04 5.36 -1.31
CA ASN A 325 2.79 4.54 -0.37
C ASN A 325 1.88 3.36 0.10
N PHE A 326 2.48 2.23 0.43
CA PHE A 326 1.66 1.07 0.88
C PHE A 326 0.88 1.31 2.20
N ARG A 327 1.26 2.35 2.93
CA ARG A 327 0.75 2.62 4.28
C ARG A 327 -0.75 2.22 4.64
N PRO A 328 -1.72 2.44 3.73
CA PRO A 328 -3.08 2.00 4.11
C PRO A 328 -3.20 0.48 4.33
N CYS A 329 -2.25 -0.33 3.87
CA CYS A 329 -2.31 -1.79 3.97
C CYS A 329 -1.81 -2.29 5.35
N PRO A 330 -0.56 -1.94 5.76
CA PRO A 330 -0.20 -2.39 7.11
C PRO A 330 -0.98 -1.72 8.19
N THR A 331 -1.53 -0.51 8.01
CA THR A 331 -2.20 0.14 9.14
C THR A 331 -3.59 -0.49 9.42
N ILE A 332 -4.11 -1.30 8.51
CA ILE A 332 -5.30 -2.13 8.89
C ILE A 332 -4.99 -3.53 9.52
N THR A 333 -3.74 -3.77 9.93
CA THR A 333 -3.36 -5.01 10.56
C THR A 333 -4.22 -5.37 11.80
N ASP A 334 -4.58 -4.37 12.63
CA ASP A 334 -5.46 -4.63 13.79
C ASP A 334 -6.85 -5.07 13.41
N THR A 335 -7.42 -4.40 12.41
CA THR A 335 -8.75 -4.76 11.94
C THR A 335 -8.76 -6.17 11.41
N VAL A 336 -7.74 -6.46 10.62
CA VAL A 336 -7.62 -7.78 10.02
C VAL A 336 -7.27 -8.86 11.12
N GLY A 337 -6.54 -8.47 12.17
CA GLY A 337 -6.20 -9.35 13.28
C GLY A 337 -7.32 -9.54 14.33
N GLY A 338 -8.41 -8.80 14.22
CA GLY A 338 -9.56 -8.98 15.10
C GLY A 338 -9.39 -8.28 16.44
N TYR A 339 -8.56 -7.27 16.50
CA TYR A 339 -8.51 -6.47 17.73
C TYR A 339 -8.46 -5.00 17.32
N GLU A 340 -8.29 -4.09 18.29
CA GLU A 340 -8.17 -2.69 17.97
C GLU A 340 -6.96 -2.12 18.66
N LEU A 341 -6.16 -1.40 17.89
CA LEU A 341 -5.27 -0.38 18.45
C LEU A 341 -6.08 0.88 18.83
N PRO A 342 -6.15 1.24 20.11
CA PRO A 342 -7.02 2.39 20.46
C PRO A 342 -6.59 3.69 19.73
N ALA A 343 -7.57 4.49 19.36
CA ALA A 343 -7.27 5.68 18.55
C ALA A 343 -6.27 6.59 19.25
N ASP A 344 -6.38 6.75 20.58
CA ASP A 344 -5.50 7.69 21.27
C ASP A 344 -4.08 7.22 21.24
N LEU A 345 -3.90 5.91 21.16
CA LEU A 345 -2.57 5.35 21.07
C LEU A 345 -1.98 5.37 19.62
N HIS A 346 -2.85 5.08 18.65
CA HIS A 346 -2.47 5.26 17.25
C HIS A 346 -1.94 6.65 17.01
N ALA A 347 -2.61 7.66 17.60
CA ALA A 347 -2.30 9.06 17.37
C ALA A 347 -1.00 9.55 18.00
N ARG A 348 -0.42 8.79 18.92
CA ARG A 348 0.84 9.26 19.53
C ARG A 348 1.88 9.63 18.46
N PRO A 349 2.70 10.71 18.67
CA PRO A 349 3.70 11.05 17.66
C PRO A 349 4.69 9.89 17.41
N ASP A 350 5.03 9.19 18.48
CA ASP A 350 5.97 8.05 18.26
C ASP A 350 5.40 6.95 17.41
N MET A 351 4.16 6.55 17.68
CA MET A 351 3.50 5.62 16.77
C MET A 351 3.37 6.14 15.32
N GLN A 352 3.04 7.40 15.17
CA GLN A 352 2.99 7.98 13.82
C GLN A 352 4.35 7.85 13.12
N ARG A 353 5.44 8.13 13.82
CA ARG A 353 6.76 7.96 13.23
C ARG A 353 7.08 6.50 12.89
N VAL A 354 6.73 5.57 13.78
CA VAL A 354 6.92 4.15 13.49
C VAL A 354 6.18 3.79 12.19
N ILE A 355 4.91 4.20 12.08
CA ILE A 355 4.13 3.80 10.88
C ILE A 355 4.74 4.40 9.59
N ALA A 356 5.05 5.70 9.62
CA ALA A 356 5.61 6.35 8.44
C ALA A 356 6.90 5.64 7.97
N LEU A 357 7.79 5.29 8.90
CA LEU A 357 9.06 4.64 8.53
C LEU A 357 8.80 3.29 7.92
N ALA A 358 7.93 2.51 8.54
CA ALA A 358 7.56 1.26 8.00
C ALA A 358 7.03 1.40 6.58
N GLY A 359 6.06 2.27 6.37
CA GLY A 359 5.51 2.41 5.00
C GLY A 359 6.61 2.90 4.05
N ASN A 360 7.46 3.78 4.57
CA ASN A 360 8.51 4.36 3.69
C ASN A 360 9.47 3.25 3.28
N ALA A 361 9.88 2.39 4.22
CA ALA A 361 10.80 1.26 3.83
C ALA A 361 10.15 0.27 2.87
N THR A 362 8.89 -0.12 3.16
CA THR A 362 8.30 -1.19 2.43
C THR A 362 7.87 -0.67 1.07
N THR A 363 7.75 0.63 0.97
CA THR A 363 7.44 1.20 -0.36
C THR A 363 8.71 1.32 -1.25
N ILE A 364 9.84 1.66 -0.65
CA ILE A 364 11.08 1.66 -1.41
C ILE A 364 11.43 0.21 -1.90
N VAL A 365 11.00 -0.82 -1.15
CA VAL A 365 11.09 -2.18 -1.67
C VAL A 365 10.48 -2.29 -3.02
N ASN A 366 9.34 -1.67 -3.19
CA ASN A 366 8.75 -1.73 -4.51
C ASN A 366 9.56 -0.95 -5.55
N ASP A 367 10.03 0.25 -5.21
CA ASP A 367 11.00 0.91 -6.14
C ASP A 367 12.11 -0.06 -6.60
N LEU A 368 12.73 -0.78 -5.65
CA LEU A 368 13.88 -1.65 -6.01
C LEU A 368 13.48 -2.85 -6.87
N TYR A 369 12.39 -3.56 -6.51
CA TYR A 369 11.97 -4.69 -7.36
C TYR A 369 11.34 -4.29 -8.67
N SER A 370 10.68 -3.12 -8.74
CA SER A 370 9.99 -2.75 -9.99
C SER A 370 10.81 -1.81 -10.89
N TYR A 371 12.03 -1.51 -10.47
CA TYR A 371 12.92 -0.63 -11.24
C TYR A 371 13.06 -1.00 -12.72
N THR A 372 13.37 -2.25 -12.99
CA THR A 372 13.55 -2.61 -14.40
C THR A 372 12.27 -2.53 -15.22
N LYS A 373 11.17 -2.89 -14.62
CA LYS A 373 9.89 -2.83 -15.33
C LYS A 373 9.59 -1.34 -15.65
N GLU A 374 9.95 -0.46 -14.72
CA GLU A 374 9.55 0.93 -14.89
C GLU A 374 10.37 1.64 -15.97
N LEU A 375 11.56 1.10 -16.28
CA LEU A 375 12.31 1.64 -17.43
C LEU A 375 11.46 1.67 -18.72
N ASN A 376 10.42 0.83 -18.77
CA ASN A 376 9.55 0.79 -19.96
C ASN A 376 8.21 1.58 -19.85
N SER A 377 7.84 1.99 -18.64
CA SER A 377 6.69 2.87 -18.45
C SER A 377 6.78 4.12 -19.37
N PRO A 378 5.60 4.58 -19.85
CA PRO A 378 5.51 5.83 -20.62
C PRO A 378 6.30 6.91 -19.92
N GLY A 379 7.21 7.56 -20.65
CA GLY A 379 7.94 8.70 -20.14
C GLY A 379 9.09 8.25 -19.28
N ARG A 380 9.47 9.12 -18.34
CA ARG A 380 10.46 8.79 -17.35
C ARG A 380 9.73 8.56 -16.02
N HIS A 381 9.30 7.32 -15.80
CA HIS A 381 8.63 7.03 -14.54
C HIS A 381 9.57 7.15 -13.30
N LEU A 382 9.23 7.98 -12.29
CA LEU A 382 10.12 8.19 -11.14
C LEU A 382 10.12 7.02 -10.15
N ASN A 383 11.32 6.66 -9.68
CA ASN A 383 11.56 5.78 -8.52
C ASN A 383 12.91 6.19 -7.91
N LEU A 384 13.22 5.67 -6.73
CA LEU A 384 14.36 6.24 -6.04
C LEU A 384 15.69 6.13 -6.83
N PRO A 385 15.97 4.97 -7.43
CA PRO A 385 17.25 4.96 -8.17
C PRO A 385 17.31 6.01 -9.30
N VAL A 386 16.27 6.09 -10.12
CA VAL A 386 16.13 7.06 -11.23
C VAL A 386 16.32 8.51 -10.77
N VAL A 387 15.67 8.88 -9.66
CA VAL A 387 15.80 10.23 -9.09
C VAL A 387 17.21 10.51 -8.54
N ILE A 388 17.80 9.54 -7.85
CA ILE A 388 19.14 9.70 -7.32
C ILE A 388 20.09 9.92 -8.50
N ALA A 389 20.00 9.04 -9.52
CA ALA A 389 20.83 9.13 -10.72
C ALA A 389 20.75 10.51 -11.35
N GLU A 390 19.52 10.96 -11.59
CA GLU A 390 19.28 12.26 -12.26
C GLU A 390 19.70 13.52 -11.47
N ARG A 391 19.43 13.55 -10.17
CA ARG A 391 19.80 14.71 -9.37
C ARG A 391 21.24 14.73 -8.89
N GLU A 392 21.66 13.62 -8.32
CA GLU A 392 23.00 13.42 -7.77
C GLU A 392 23.99 13.05 -8.88
N GLN A 393 23.58 13.26 -10.15
CA GLN A 393 24.26 12.78 -11.38
CA GLN A 393 24.41 12.94 -11.29
C GLN A 393 25.24 11.64 -11.05
N LEU A 394 24.64 10.45 -10.81
CA LEU A 394 25.35 9.15 -10.62
C LEU A 394 25.01 8.17 -11.76
N CYS A 395 25.80 7.11 -11.94
CA CYS A 395 25.46 6.13 -12.98
C CYS A 395 24.28 5.35 -12.41
N GLU A 396 23.46 4.78 -13.30
CA GLU A 396 22.28 4.03 -12.86
C GLU A 396 22.63 3.03 -11.77
N ARG A 397 23.77 2.36 -11.91
CA ARG A 397 24.10 1.29 -11.01
C ARG A 397 24.36 1.82 -9.60
N ASP A 398 25.16 2.87 -9.53
CA ASP A 398 25.52 3.33 -8.20
C ASP A 398 24.34 3.97 -7.51
N ALA A 399 23.46 4.55 -8.32
CA ALA A 399 22.26 5.19 -7.82
C ALA A 399 21.36 4.08 -7.22
N TYR A 400 21.25 2.98 -7.92
CA TYR A 400 20.43 1.88 -7.41
C TYR A 400 21.04 1.35 -6.12
N LEU A 401 22.35 1.11 -6.13
CA LEU A 401 22.96 0.59 -4.91
C LEU A 401 22.75 1.55 -3.75
N LYS A 402 22.82 2.85 -4.03
CA LYS A 402 22.57 3.79 -2.92
C LYS A 402 21.11 3.65 -2.42
N ALA A 403 20.19 3.38 -3.35
CA ALA A 403 18.76 3.29 -3.01
C ALA A 403 18.55 2.09 -2.09
N VAL A 404 19.31 1.03 -2.34
CA VAL A 404 19.32 -0.11 -1.44
C VAL A 404 19.78 0.30 -0.06
N GLU A 405 20.85 1.12 0.02
CA GLU A 405 21.28 1.59 1.36
C GLU A 405 20.24 2.50 2.06
N VAL A 406 19.56 3.33 1.27
CA VAL A 406 18.50 4.17 1.83
C VAL A 406 17.37 3.26 2.43
N HIS A 407 16.89 2.31 1.64
CA HIS A 407 15.95 1.30 2.17
C HIS A 407 16.43 0.72 3.49
N ASN A 408 17.68 0.22 3.50
CA ASN A 408 18.20 -0.40 4.74
C ASN A 408 18.14 0.51 5.98
N GLU A 409 18.51 1.78 5.80
CA GLU A 409 18.44 2.71 6.91
C GLU A 409 16.96 2.95 7.34
N LEU A 410 16.05 3.09 6.36
CA LEU A 410 14.65 3.26 6.72
C LEU A 410 14.13 2.02 7.51
N GLN A 411 14.48 0.84 7.02
CA GLN A 411 14.00 -0.41 7.67
C GLN A 411 14.60 -0.57 9.07
N HIS A 412 15.92 -0.38 9.18
CA HIS A 412 16.54 -0.39 10.53
C HIS A 412 15.92 0.66 11.43
N SER A 413 15.69 1.88 10.92
CA SER A 413 15.09 2.90 11.80
C SER A 413 13.65 2.52 12.22
N PHE A 414 12.90 1.91 11.29
CA PHE A 414 11.57 1.43 11.63
C PHE A 414 11.67 0.42 12.83
N GLU A 415 12.54 -0.54 12.70
CA GLU A 415 12.73 -1.49 13.80
C GLU A 415 13.09 -0.88 15.13
N ALA A 416 14.08 0.03 15.16
CA ALA A 416 14.50 0.69 16.39
C ALA A 416 13.36 1.47 16.95
N ALA A 417 12.61 2.15 16.07
CA ALA A 417 11.50 2.96 16.58
C ALA A 417 10.37 2.07 17.17
N ALA A 418 10.10 0.93 16.54
CA ALA A 418 9.10 0.02 17.08
C ALA A 418 9.61 -0.63 18.39
N ALA A 419 10.90 -0.93 18.47
CA ALA A 419 11.40 -1.55 19.71
C ALA A 419 11.25 -0.57 20.85
N ASP A 420 11.66 0.68 20.61
CA ASP A 420 11.44 1.73 21.61
C ASP A 420 10.01 1.97 22.08
N LEU A 421 9.05 1.95 21.15
CA LEU A 421 7.64 2.17 21.55
C LEU A 421 7.14 0.96 22.29
N ALA A 422 7.62 -0.22 21.90
CA ALA A 422 7.16 -1.42 22.60
C ALA A 422 7.58 -1.37 24.10
N GLU A 423 8.71 -0.75 24.37
CA GLU A 423 9.23 -0.66 25.72
C GLU A 423 8.50 0.48 26.43
N ALA A 424 8.26 1.59 25.76
CA ALA A 424 7.68 2.76 26.40
C ALA A 424 6.23 2.54 26.70
N CYS A 425 5.60 1.66 25.95
CA CYS A 425 4.17 1.54 26.05
C CYS A 425 3.75 0.10 25.78
N PRO A 426 4.07 -0.81 26.74
CA PRO A 426 3.91 -2.25 26.43
C PRO A 426 2.50 -2.75 26.64
N LEU A 427 1.49 -1.99 26.22
CA LEU A 427 0.14 -2.54 26.21
C LEU A 427 0.01 -3.60 25.13
N PRO A 428 -0.81 -4.63 25.39
CA PRO A 428 -1.04 -5.65 24.38
C PRO A 428 -1.45 -5.17 22.97
N PRO A 429 -2.44 -4.25 22.86
CA PRO A 429 -2.93 -3.91 21.50
C PRO A 429 -1.81 -3.18 20.71
N VAL A 430 -0.91 -2.52 21.43
CA VAL A 430 0.26 -1.82 20.87
C VAL A 430 1.28 -2.86 20.39
N LEU A 431 1.61 -3.81 21.25
CA LEU A 431 2.61 -4.82 20.91
C LEU A 431 2.10 -5.67 19.76
N ARG A 432 0.83 -6.00 19.76
CA ARG A 432 0.33 -6.77 18.63
C ARG A 432 0.33 -5.98 17.29
N PHE A 433 -0.10 -4.72 17.37
CA PHE A 433 -0.09 -3.85 16.18
C PHE A 433 1.32 -3.71 15.63
N LEU A 434 2.28 -3.45 16.53
CA LEU A 434 3.68 -3.37 16.08
C LEU A 434 4.19 -4.61 15.43
N ARG A 435 3.82 -5.75 15.99
CA ARG A 435 4.17 -6.97 15.33
C ARG A 435 3.46 -7.16 14.00
N GLY A 436 2.17 -6.81 13.94
CA GLY A 436 1.50 -6.98 12.67
C GLY A 436 2.06 -6.03 11.58
N VAL A 437 2.47 -4.82 11.95
CA VAL A 437 3.11 -3.96 10.94
C VAL A 437 4.43 -4.60 10.43
N ALA A 438 5.29 -5.05 11.32
CA ALA A 438 6.48 -5.78 10.87
C ALA A 438 6.14 -6.99 10.00
N ALA A 439 5.06 -7.71 10.34
CA ALA A 439 4.66 -8.86 9.52
C ALA A 439 4.23 -8.46 8.16
N TRP A 440 3.48 -7.34 8.09
CA TRP A 440 2.99 -6.88 6.79
C TRP A 440 4.26 -6.49 5.95
N VAL A 441 5.17 -5.78 6.58
CA VAL A 441 6.40 -5.33 5.88
C VAL A 441 7.24 -6.56 5.32
N ASP A 442 7.51 -7.53 6.19
CA ASP A 442 8.23 -8.77 5.78
C ASP A 442 7.45 -9.49 4.68
N GLY A 443 6.14 -9.63 4.87
CA GLY A 443 5.35 -10.23 3.82
C GLY A 443 5.33 -9.48 2.51
N ASN A 444 5.37 -8.16 2.58
CA ASN A 444 5.40 -7.36 1.33
C ASN A 444 6.75 -7.60 0.58
N HIS A 445 7.87 -7.65 1.34
CA HIS A 445 9.14 -7.95 0.66
C HIS A 445 9.10 -9.32 0.00
N ASP A 446 8.54 -10.31 0.71
CA ASP A 446 8.46 -11.66 0.14
C ASP A 446 7.58 -11.68 -1.10
N TRP A 447 6.44 -10.99 -1.08
CA TRP A 447 5.65 -10.97 -2.29
C TRP A 447 6.44 -10.36 -3.47
N HIS A 448 7.15 -9.28 -3.22
CA HIS A 448 7.90 -8.66 -4.30
C HIS A 448 8.96 -9.60 -4.84
N ARG A 449 9.69 -10.22 -3.90
CA ARG A 449 10.77 -11.14 -4.24
C ARG A 449 10.31 -12.33 -5.12
N THR A 450 9.14 -12.87 -4.80
CA THR A 450 8.68 -14.11 -5.44
C THR A 450 7.90 -13.86 -6.72
N ASN A 451 7.47 -12.61 -6.91
CA ASN A 451 6.62 -12.31 -8.05
C ASN A 451 7.44 -11.98 -9.28
N THR A 452 7.84 -13.01 -10.03
CA THR A 452 8.76 -12.83 -11.19
C THR A 452 7.99 -12.61 -12.50
N TYR A 453 6.66 -12.74 -12.40
CA TYR A 453 5.72 -12.28 -13.39
C TYR A 453 5.71 -10.74 -13.57
N ARG A 454 5.60 -10.00 -12.48
CA ARG A 454 5.62 -8.52 -12.56
C ARG A 454 7.05 -7.96 -12.55
N TYR A 455 7.90 -8.50 -11.71
CA TYR A 455 9.21 -7.89 -11.40
C TYR A 455 10.41 -8.74 -11.82
N SER A 456 11.53 -8.06 -12.03
CA SER A 456 12.82 -8.73 -12.27
C SER A 456 13.95 -7.79 -11.86
N LEU A 457 15.17 -8.32 -11.71
CA LEU A 457 16.25 -7.51 -11.17
C LEU A 457 17.24 -6.97 -12.22
N PRO A 458 17.82 -5.79 -11.97
CA PRO A 458 18.91 -5.31 -12.80
C PRO A 458 20.19 -6.14 -12.59
N ASP A 459 21.06 -6.12 -13.59
CA ASP A 459 22.32 -6.83 -13.49
C ASP A 459 23.39 -5.92 -12.91
N PHE A 460 23.30 -5.66 -11.63
CA PHE A 460 24.20 -4.71 -10.99
C PHE A 460 25.13 -5.42 -10.05
N TRP A 461 25.08 -6.75 -10.04
CA TRP A 461 25.95 -7.44 -9.11
C TRP A 461 26.75 -8.48 -9.88
MG MG B . 6.84 0.52 -8.66
MG MG C . 1.95 3.79 -9.06
C1 0FV D . 3.34 0.32 -5.59
O1 0FV D . 4.16 1.32 -6.23
C2 0FV D . 2.03 0.95 -5.30
F2 0FV D . 1.01 0.65 -6.15
C3 0FV D . 1.88 1.81 -4.30
C4 0FV D . 3.02 2.16 -3.40
C5 0FV D . 0.54 2.43 -4.07
C6 0FV D . -0.06 1.88 -2.79
C7 0FV D . -0.79 0.58 -3.02
C8 0FV D . -1.77 0.19 -2.22
C9 0FV D . -2.44 -1.13 -2.48
C10 0FV D . -2.28 0.99 -1.06
PA 0FV D . 3.91 1.27 -7.83
O1A 0FV D . 2.84 2.21 -8.19
O2A 0FV D . 5.24 1.74 -8.54
O3A 0FV D . 3.43 -0.21 -8.30
PB 0FV D . 4.25 -1.16 -9.34
O1B 0FV D . 5.73 -1.16 -9.40
O2B 0FV D . 4.01 -2.66 -8.88
O3B 0FV D . 3.63 -0.92 -10.79
#